data_3NOK
#
_entry.id   3NOK
#
_cell.length_a   65.790
_cell.length_b   46.060
_cell.length_c   81.000
_cell.angle_alpha   90.000
_cell.angle_beta   112.970
_cell.angle_gamma   90.000
#
_symmetry.space_group_name_H-M   'P 1 21 1'
#
loop_
_entity.id
_entity.type
_entity.pdbx_description
1 polymer 'Glutaminyl Cyclase'
2 non-polymer 'CALCIUM ION'
3 non-polymer '2-(N-MORPHOLINO)-ETHANESULFONIC ACID'
4 non-polymer DECYLAMINE-N,N-DIMETHYL-N-OXIDE
5 non-polymer GLYCEROL
6 water water
#
_entity_poly.entity_id   1
_entity_poly.type   'polypeptide(L)'
_entity_poly.pdbx_seq_one_letter_code
;MGSSHHHHHHSSGLVPRGSHMSPTNRPVPDAGGSVQEPVRRVAHIIREYPHATNAFTQGLVFHQGHFFESTGHQGTLRQL
SLESAQPVWMERLGNIFAEGLASDGERLYQLTWTEGLLFTWSGMPPQRERTTRYSGEGWGLCYWNGKLVRSDGGTMLTFH
EPDGFALVGAVQVKLRGQPVELINELECANGVIYANIWHSSDVLEIDPATGTVVGVIDASALTRAVAGQVTNPEAVLNGI
AVEPGSGRIFMTGKLWPRLFEVRLDVVD
;
_entity_poly.pdbx_strand_id   A,B
#
# COMPACT_ATOMS: atom_id res chain seq x y z
N VAL A 35 33.24 5.62 -16.06
CA VAL A 35 31.76 5.73 -16.19
C VAL A 35 31.25 5.11 -17.50
N GLN A 36 30.45 4.06 -17.34
CA GLN A 36 29.95 3.31 -18.47
C GLN A 36 28.49 2.96 -18.28
N GLU A 37 27.92 2.43 -19.35
CA GLU A 37 26.64 1.88 -19.27
C GLU A 37 26.66 0.86 -18.09
N PRO A 38 25.68 1.01 -17.21
CA PRO A 38 25.33 -0.10 -16.34
C PRO A 38 25.26 -1.35 -17.17
N VAL A 39 25.68 -2.46 -16.60
CA VAL A 39 25.56 -3.76 -17.27
C VAL A 39 24.09 -4.10 -17.27
N ARG A 40 23.59 -4.63 -18.39
CA ARG A 40 22.23 -5.11 -18.52
C ARG A 40 22.18 -6.60 -18.42
N ARG A 41 21.30 -7.14 -17.56
CA ARG A 41 21.20 -8.60 -17.43
C ARG A 41 19.75 -8.99 -17.52
N VAL A 42 19.49 -10.27 -17.75
CA VAL A 42 18.10 -10.73 -17.82
C VAL A 42 18.10 -11.86 -16.83
N ALA A 43 17.15 -11.89 -15.88
CA ALA A 43 17.00 -13.04 -14.99
C ALA A 43 16.31 -14.19 -15.71
N HIS A 44 17.04 -15.32 -15.76
CA HIS A 44 16.55 -16.53 -16.42
C HIS A 44 16.07 -17.47 -15.30
N ILE A 45 14.81 -17.94 -15.35
CA ILE A 45 14.31 -18.84 -14.31
C ILE A 45 15.01 -20.22 -14.48
N ILE A 46 15.68 -20.69 -13.43
CA ILE A 46 16.43 -21.98 -13.36
C ILE A 46 15.50 -23.03 -12.76
N ARG A 47 14.68 -22.64 -11.79
CA ARG A 47 13.87 -23.59 -11.04
C ARG A 47 12.83 -22.80 -10.26
N GLU A 48 11.66 -23.38 -10.07
CA GLU A 48 10.58 -22.79 -9.29
C GLU A 48 10.23 -23.66 -8.06
N TYR A 49 9.82 -23.00 -6.98
CA TYR A 49 9.54 -23.61 -5.69
C TYR A 49 8.23 -23.01 -5.22
N PRO A 50 7.43 -23.75 -4.40
CA PRO A 50 6.17 -23.21 -3.87
C PRO A 50 6.46 -22.01 -2.93
N HIS A 51 5.61 -20.99 -2.99
CA HIS A 51 5.62 -19.92 -2.02
C HIS A 51 4.15 -19.69 -1.62
N ALA A 52 3.92 -19.06 -0.47
CA ALA A 52 2.53 -18.92 0.02
C ALA A 52 1.88 -17.71 -0.58
N THR A 53 0.66 -17.88 -1.06
CA THR A 53 -0.08 -16.79 -1.61
C THR A 53 -0.70 -15.80 -0.60
N ASN A 54 -0.47 -16.00 0.70
CA ASN A 54 -0.92 -15.07 1.69
C ASN A 54 0.27 -14.46 2.42
N ALA A 55 1.46 -14.58 1.81
CA ALA A 55 2.67 -13.99 2.44
C ALA A 55 3.08 -12.70 1.68
N PHE A 56 2.84 -11.54 2.29
CA PHE A 56 3.29 -10.23 1.69
C PHE A 56 4.78 -10.06 1.96
N THR A 57 5.62 -10.66 1.13
CA THR A 57 7.08 -10.64 1.27
C THR A 57 7.65 -9.23 1.32
N GLN A 58 8.22 -8.86 2.46
N GLN A 58 8.26 -8.89 2.45
CA GLN A 58 8.89 -7.54 2.62
CA GLN A 58 8.88 -7.57 2.58
C GLN A 58 10.38 -7.68 2.90
C GLN A 58 10.31 -7.64 3.08
N GLY A 59 10.81 -8.86 3.28
CA GLY A 59 12.23 -9.10 3.55
C GLY A 59 12.52 -10.56 3.23
N LEU A 60 13.73 -10.87 2.79
CA LEU A 60 14.05 -12.26 2.32
C LEU A 60 15.55 -12.44 2.42
N VAL A 61 16.02 -13.40 3.21
CA VAL A 61 17.49 -13.47 3.36
C VAL A 61 17.79 -14.90 3.84
N PHE A 62 19.00 -15.35 3.56
CA PHE A 62 19.48 -16.63 4.11
C PHE A 62 20.18 -16.32 5.41
N HIS A 63 20.09 -17.25 6.36
CA HIS A 63 20.66 -17.02 7.69
C HIS A 63 20.88 -18.36 8.39
N GLN A 64 22.13 -18.57 8.76
CA GLN A 64 22.61 -19.75 9.49
C GLN A 64 22.01 -21.04 8.95
N GLY A 65 22.02 -21.16 7.60
CA GLY A 65 21.74 -22.39 6.87
C GLY A 65 20.29 -22.51 6.48
N HIS A 66 19.52 -21.49 6.85
CA HIS A 66 18.10 -21.49 6.58
C HIS A 66 17.66 -20.25 5.82
N PHE A 67 16.44 -20.31 5.37
CA PHE A 67 15.91 -19.33 4.43
C PHE A 67 14.78 -18.58 5.16
N PHE A 68 14.89 -17.23 5.35
CA PHE A 68 13.94 -16.49 6.18
C PHE A 68 13.20 -15.43 5.43
N GLU A 69 11.97 -15.18 5.84
CA GLU A 69 11.10 -14.21 5.14
C GLU A 69 10.44 -13.36 6.22
N SER A 70 10.42 -12.04 5.98
CA SER A 70 9.58 -11.13 6.76
C SER A 70 8.38 -10.68 6.00
N THR A 71 7.23 -10.68 6.69
CA THR A 71 5.99 -10.26 6.04
C THR A 71 5.30 -9.16 6.85
N GLY A 72 4.52 -8.34 6.15
CA GLY A 72 3.61 -7.43 6.89
C GLY A 72 2.17 -7.82 6.57
N HIS A 73 1.17 -7.26 7.27
CA HIS A 73 -0.24 -7.59 6.94
C HIS A 73 -0.59 -9.10 6.76
N GLN A 74 -0.32 -9.97 7.72
CA GLN A 74 0.09 -9.64 9.09
C GLN A 74 1.58 -9.79 9.28
N GLY A 75 2.10 -9.14 10.32
CA GLY A 75 3.54 -9.21 10.52
C GLY A 75 3.99 -10.61 10.89
N THR A 76 5.06 -11.12 10.28
CA THR A 76 5.66 -12.41 10.71
C THR A 76 7.13 -12.42 10.41
N LEU A 77 7.85 -13.33 11.07
CA LEU A 77 9.20 -13.81 10.59
C LEU A 77 9.01 -15.27 10.35
N ARG A 78 9.38 -15.73 9.18
CA ARG A 78 9.18 -17.13 8.89
C ARG A 78 10.43 -17.78 8.33
N GLN A 79 10.62 -19.08 8.63
CA GLN A 79 11.66 -19.87 7.97
C GLN A 79 10.96 -20.68 6.87
N LEU A 80 11.44 -20.59 5.64
CA LEU A 80 10.79 -21.24 4.48
C LEU A 80 11.35 -22.62 4.17
N SER A 81 10.49 -23.46 3.63
CA SER A 81 10.92 -24.72 3.06
C SER A 81 11.00 -24.51 1.54
N LEU A 82 11.94 -25.10 0.78
CA LEU A 82 11.78 -25.01 -0.67
C LEU A 82 10.87 -26.17 -1.20
N GLU A 83 10.47 -27.09 -0.32
CA GLU A 83 9.56 -28.14 -0.74
C GLU A 83 8.06 -27.91 -0.49
N SER A 84 7.67 -26.83 0.21
CA SER A 84 6.28 -26.57 0.52
C SER A 84 6.08 -25.08 0.77
N ALA A 85 4.88 -24.58 0.49
CA ALA A 85 4.53 -23.17 0.80
C ALA A 85 4.35 -22.93 2.29
N GLN A 86 4.09 -23.98 3.06
CA GLN A 86 3.96 -23.92 4.52
C GLN A 86 5.33 -23.71 5.18
N PRO A 87 5.50 -22.60 5.94
CA PRO A 87 6.78 -22.37 6.57
C PRO A 87 7.15 -23.49 7.51
N VAL A 88 8.43 -23.80 7.61
CA VAL A 88 8.86 -24.75 8.65
C VAL A 88 8.79 -24.17 10.06
N TRP A 89 8.83 -22.83 10.18
CA TRP A 89 8.76 -22.16 11.49
C TRP A 89 8.22 -20.76 11.23
N MET A 90 7.40 -20.28 12.13
CA MET A 90 6.91 -18.87 12.01
C MET A 90 6.68 -18.28 13.36
N GLU A 91 7.15 -17.03 13.57
CA GLU A 91 6.68 -16.22 14.70
C GLU A 91 5.79 -15.07 14.19
N ARG A 92 4.59 -15.00 14.77
CA ARG A 92 3.61 -13.98 14.44
C ARG A 92 3.89 -12.70 15.23
N LEU A 93 3.79 -11.55 14.59
CA LEU A 93 4.12 -10.28 15.24
C LEU A 93 2.86 -9.47 15.39
N GLY A 94 1.70 -10.09 15.18
CA GLY A 94 0.43 -9.37 15.22
C GLY A 94 0.30 -8.29 14.12
N ASN A 95 -0.20 -7.13 14.53
CA ASN A 95 -0.51 -6.05 13.59
C ASN A 95 0.73 -5.23 13.14
N ILE A 96 1.87 -5.59 13.66
CA ILE A 96 3.10 -4.83 13.32
C ILE A 96 3.41 -5.12 11.86
N PHE A 97 3.67 -4.07 11.10
CA PHE A 97 3.89 -4.19 9.67
C PHE A 97 5.40 -4.38 9.44
N ALA A 98 5.85 -5.62 9.60
CA ALA A 98 7.32 -5.88 9.42
C ALA A 98 7.73 -5.78 7.95
N GLU A 99 9.01 -5.43 7.75
CA GLU A 99 9.50 -4.98 6.43
C GLU A 99 10.82 -5.64 6.22
N GLY A 100 11.85 -4.90 5.82
CA GLY A 100 13.10 -5.54 5.36
C GLY A 100 13.84 -6.39 6.39
N LEU A 101 14.70 -7.28 5.95
CA LEU A 101 15.33 -8.28 6.88
C LEU A 101 16.72 -8.50 6.41
N ALA A 102 17.68 -8.29 7.32
CA ALA A 102 19.10 -8.44 7.04
C ALA A 102 19.73 -9.48 7.98
N SER A 103 20.82 -10.05 7.53
CA SER A 103 21.58 -11.02 8.39
C SER A 103 23.03 -10.58 8.39
N ASP A 104 23.67 -10.62 9.58
CA ASP A 104 25.17 -10.48 9.60
C ASP A 104 25.86 -11.83 9.90
N GLY A 105 25.08 -12.90 9.82
CA GLY A 105 25.55 -14.28 9.98
C GLY A 105 25.24 -14.77 11.37
N GLU A 106 25.15 -13.84 12.33
CA GLU A 106 24.83 -14.19 13.70
C GLU A 106 23.42 -13.74 14.17
N ARG A 107 23.00 -12.57 13.69
CA ARG A 107 21.72 -12.04 14.12
C ARG A 107 20.94 -11.68 12.86
N LEU A 108 19.62 -11.68 12.99
CA LEU A 108 18.67 -11.11 11.95
C LEU A 108 18.23 -9.73 12.44
N TYR A 109 18.08 -8.79 11.48
CA TYR A 109 17.63 -7.46 11.79
C TYR A 109 16.41 -7.16 10.93
N GLN A 110 15.33 -6.68 11.52
CA GLN A 110 14.04 -6.62 10.84
C GLN A 110 13.41 -5.26 11.07
N LEU A 111 13.14 -4.56 9.95
CA LEU A 111 12.50 -3.25 10.01
C LEU A 111 10.99 -3.38 10.19
N THR A 112 10.36 -2.21 10.38
CA THR A 112 8.93 -2.09 10.30
C THR A 112 8.62 -0.90 9.39
N TRP A 113 7.41 -0.87 8.87
CA TRP A 113 7.03 0.15 7.89
C TRP A 113 6.95 1.52 8.51
N THR A 114 5.95 1.82 9.35
CA THR A 114 5.86 3.18 9.90
C THR A 114 6.05 3.19 11.41
N GLU A 115 6.19 2.00 11.98
CA GLU A 115 6.32 1.86 13.45
C GLU A 115 7.60 2.42 14.02
N GLY A 116 8.65 2.49 13.21
CA GLY A 116 9.93 2.91 13.69
C GLY A 116 10.54 1.92 14.65
N LEU A 117 10.13 0.65 14.51
CA LEU A 117 10.74 -0.41 15.36
C LEU A 117 11.67 -1.26 14.52
N LEU A 118 12.84 -1.59 15.07
CA LEU A 118 13.79 -2.55 14.47
C LEU A 118 13.85 -3.69 15.47
N PHE A 119 13.61 -4.92 15.04
CA PHE A 119 13.77 -6.08 15.98
C PHE A 119 15.05 -6.78 15.62
N THR A 120 15.85 -7.14 16.63
CA THR A 120 17.08 -7.86 16.42
C THR A 120 16.87 -9.26 17.04
N TRP A 121 17.10 -10.26 16.22
CA TRP A 121 16.80 -11.65 16.59
C TRP A 121 18.09 -12.39 16.69
N SER A 122 18.15 -13.35 17.64
CA SER A 122 19.38 -14.20 17.74
C SER A 122 18.96 -15.61 18.17
N GLY A 123 19.90 -16.57 18.09
CA GLY A 123 19.62 -17.98 18.40
C GLY A 123 18.89 -18.73 17.28
N MET A 124 18.58 -20.00 17.54
CA MET A 124 18.05 -20.86 16.58
C MET A 124 17.10 -21.78 17.34
N PRO A 125 15.78 -21.66 17.12
CA PRO A 125 15.16 -20.69 16.20
C PRO A 125 15.39 -19.26 16.72
N PRO A 126 15.31 -18.28 15.78
CA PRO A 126 15.49 -16.89 16.17
C PRO A 126 14.48 -16.46 17.21
N GLN A 127 14.96 -15.73 18.20
CA GLN A 127 14.10 -15.08 19.22
C GLN A 127 14.51 -13.62 19.28
N ARG A 128 13.56 -12.74 19.44
CA ARG A 128 13.93 -11.35 19.54
C ARG A 128 14.66 -11.04 20.84
N GLU A 129 15.77 -10.38 20.68
CA GLU A 129 16.56 -9.99 21.83
C GLU A 129 16.64 -8.51 22.06
N ARG A 130 16.23 -7.73 21.03
CA ARG A 130 16.31 -6.29 21.18
C ARG A 130 15.21 -5.65 20.38
N THR A 131 14.67 -4.56 20.91
CA THR A 131 13.79 -3.64 20.17
C THR A 131 14.42 -2.27 20.13
N THR A 132 14.49 -1.70 18.93
CA THR A 132 15.21 -0.39 18.79
C THR A 132 14.29 0.58 18.06
N ARG A 133 14.17 1.81 18.57
CA ARG A 133 13.30 2.83 17.86
C ARG A 133 14.21 3.64 16.90
N TYR A 134 13.67 3.92 15.71
CA TYR A 134 14.42 4.78 14.71
C TYR A 134 13.38 5.71 14.02
N SER A 135 13.85 6.80 13.44
N SER A 135 13.87 6.82 13.45
CA SER A 135 12.96 7.67 12.72
CA SER A 135 13.02 7.78 12.74
C SER A 135 12.83 7.18 11.29
C SER A 135 12.91 7.38 11.28
N GLY A 136 11.72 7.57 10.71
CA GLY A 136 11.51 7.38 9.22
C GLY A 136 10.85 6.04 8.98
N GLU A 137 10.73 5.73 7.70
CA GLU A 137 10.02 4.49 7.32
C GLU A 137 11.06 3.40 7.05
N GLY A 138 10.62 2.13 7.15
CA GLY A 138 11.60 0.99 6.94
C GLY A 138 11.06 0.25 5.72
N TRP A 139 11.79 0.18 4.58
CA TRP A 139 11.34 -0.68 3.46
C TRP A 139 12.34 -1.84 3.42
N GLY A 140 13.49 -1.69 2.75
CA GLY A 140 14.48 -2.80 2.62
C GLY A 140 15.63 -2.60 3.59
N LEU A 141 16.35 -3.72 3.83
CA LEU A 141 17.48 -3.72 4.71
C LEU A 141 18.49 -4.79 4.31
N CYS A 142 19.77 -4.44 4.34
CA CYS A 142 20.80 -5.47 4.17
C CYS A 142 22.05 -5.07 4.97
N TYR A 143 23.03 -5.98 5.06
CA TYR A 143 24.23 -5.75 5.86
C TYR A 143 25.48 -5.68 5.00
N TRP A 144 26.27 -4.63 5.10
CA TRP A 144 27.45 -4.49 4.22
C TRP A 144 28.52 -3.78 5.04
N ASN A 145 29.73 -4.40 5.12
CA ASN A 145 30.91 -3.71 5.72
C ASN A 145 30.64 -3.20 7.11
N GLY A 146 29.99 -4.06 7.92
CA GLY A 146 29.74 -3.76 9.31
C GLY A 146 28.59 -2.79 9.55
N LYS A 147 27.83 -2.49 8.49
CA LYS A 147 26.76 -1.50 8.60
C LYS A 147 25.45 -2.09 8.08
N LEU A 148 24.34 -1.67 8.66
CA LEU A 148 22.99 -2.00 8.13
C LEU A 148 22.67 -0.94 7.08
N VAL A 149 22.25 -1.36 5.88
CA VAL A 149 21.90 -0.39 4.79
C VAL A 149 20.39 -0.43 4.65
N ARG A 150 19.75 0.73 4.68
CA ARG A 150 18.30 0.81 4.75
C ARG A 150 17.70 1.63 3.58
N SER A 151 16.67 1.10 2.95
CA SER A 151 15.88 1.89 2.01
C SER A 151 14.53 2.24 2.62
N ASP A 152 13.88 3.27 2.05
CA ASP A 152 12.62 3.75 2.61
C ASP A 152 11.60 4.11 1.56
N GLY A 153 11.85 3.63 0.34
CA GLY A 153 10.90 3.93 -0.75
C GLY A 153 11.25 5.25 -1.44
N GLY A 154 12.18 6.02 -0.88
CA GLY A 154 12.70 7.18 -1.69
C GLY A 154 13.94 6.78 -2.48
N THR A 155 14.77 7.77 -2.69
CA THR A 155 15.99 7.59 -3.51
C THR A 155 17.24 7.28 -2.70
N MET A 156 17.11 7.20 -1.35
CA MET A 156 18.30 7.21 -0.57
C MET A 156 18.55 5.85 0.06
N LEU A 157 19.82 5.51 0.18
CA LEU A 157 20.20 4.39 1.06
C LEU A 157 20.94 4.99 2.24
N THR A 158 20.45 4.66 3.44
CA THR A 158 21.11 5.16 4.63
C THR A 158 21.87 4.05 5.33
N PHE A 159 22.96 4.42 5.97
CA PHE A 159 23.85 3.43 6.56
C PHE A 159 23.80 3.59 8.08
N HIS A 160 23.68 2.46 8.82
CA HIS A 160 23.44 2.52 10.28
C HIS A 160 24.30 1.57 11.07
N GLU A 161 24.61 1.96 12.31
CA GLU A 161 25.38 1.07 13.17
C GLU A 161 24.42 -0.08 13.62
N PRO A 162 24.86 -1.34 13.50
CA PRO A 162 23.96 -2.43 13.98
C PRO A 162 23.55 -2.32 15.44
N ASP A 163 24.45 -1.80 16.28
CA ASP A 163 24.18 -1.62 17.70
C ASP A 163 23.58 -0.23 17.96
N GLY A 164 22.23 -0.16 17.95
CA GLY A 164 21.44 1.07 18.27
C GLY A 164 20.91 1.80 17.02
N PHE A 165 21.39 1.39 15.84
CA PHE A 165 20.85 1.86 14.54
C PHE A 165 21.07 3.38 14.22
N ALA A 166 22.07 3.98 14.87
CA ALA A 166 22.42 5.35 14.54
C ALA A 166 22.85 5.48 13.06
N LEU A 167 22.34 6.54 12.41
CA LEU A 167 22.78 6.84 11.05
C LEU A 167 24.23 7.28 11.03
N VAL A 168 24.99 6.65 10.16
CA VAL A 168 26.41 7.02 9.95
C VAL A 168 26.74 7.61 8.57
N GLY A 169 25.84 7.41 7.60
CA GLY A 169 26.07 7.97 6.30
C GLY A 169 24.90 7.73 5.36
N ALA A 170 25.03 8.17 4.11
CA ALA A 170 23.98 7.90 3.13
C ALA A 170 24.54 8.08 1.71
N VAL A 171 23.91 7.39 0.76
CA VAL A 171 24.14 7.64 -0.72
C VAL A 171 22.82 7.83 -1.37
N GLN A 172 22.82 8.55 -2.48
CA GLN A 172 21.61 8.60 -3.32
C GLN A 172 21.77 7.60 -4.46
N VAL A 173 20.75 6.77 -4.68
CA VAL A 173 20.80 5.78 -5.76
C VAL A 173 20.52 6.48 -7.08
N LYS A 174 21.47 6.38 -7.99
CA LYS A 174 21.38 7.07 -9.31
C LYS A 174 21.66 6.07 -10.45
N LEU A 175 20.71 5.99 -11.38
CA LEU A 175 20.87 5.29 -12.62
C LEU A 175 21.15 6.32 -13.74
N ARG A 176 22.35 6.23 -14.29
CA ARG A 176 22.79 7.13 -15.41
C ARG A 176 22.69 8.52 -14.90
N GLY A 177 23.15 8.73 -13.65
CA GLY A 177 23.15 10.07 -13.01
C GLY A 177 21.82 10.58 -12.48
N GLN A 178 20.75 9.80 -12.60
CA GLN A 178 19.40 10.30 -12.25
C GLN A 178 18.89 9.48 -11.04
N PRO A 179 18.36 10.16 -10.03
CA PRO A 179 17.90 9.42 -8.80
C PRO A 179 16.79 8.43 -9.15
N VAL A 180 16.75 7.29 -8.46
CA VAL A 180 15.72 6.27 -8.65
C VAL A 180 14.88 6.14 -7.37
N GLU A 181 13.59 6.42 -7.52
CA GLU A 181 12.61 6.36 -6.44
C GLU A 181 12.23 4.87 -6.24
N LEU A 182 11.60 4.65 -5.09
CA LEU A 182 10.82 3.38 -4.84
C LEU A 182 11.74 2.20 -4.51
N ILE A 183 12.90 2.49 -3.97
CA ILE A 183 13.89 1.45 -3.63
C ILE A 183 13.31 0.66 -2.45
N ASN A 184 13.24 -0.67 -2.65
CA ASN A 184 12.49 -1.54 -1.73
C ASN A 184 13.41 -2.68 -1.19
N GLU A 185 13.05 -3.99 -1.34
CA GLU A 185 13.84 -5.00 -0.62
C GLU A 185 15.29 -5.03 -1.10
N LEU A 186 16.24 -5.28 -0.19
CA LEU A 186 17.66 -5.23 -0.50
C LEU A 186 18.31 -6.57 -0.36
N GLU A 187 19.47 -6.70 -0.97
CA GLU A 187 20.30 -7.90 -0.76
C GLU A 187 21.76 -7.54 -0.96
N CYS A 188 22.59 -7.74 0.05
CA CYS A 188 24.01 -7.37 -0.08
C CYS A 188 24.82 -8.63 -0.48
N ALA A 189 25.27 -8.71 -1.75
CA ALA A 189 26.01 -9.88 -2.19
C ALA A 189 26.81 -9.48 -3.43
N ASN A 190 27.83 -10.28 -3.74
CA ASN A 190 28.61 -10.08 -4.98
C ASN A 190 29.15 -8.64 -5.19
N GLY A 191 29.49 -7.97 -4.11
CA GLY A 191 30.07 -6.64 -4.14
C GLY A 191 29.06 -5.51 -4.43
N VAL A 192 27.79 -5.87 -4.51
CA VAL A 192 26.76 -4.86 -4.79
C VAL A 192 25.63 -4.93 -3.76
N ILE A 193 24.78 -3.95 -3.81
CA ILE A 193 23.43 -4.08 -3.25
C ILE A 193 22.41 -4.34 -4.33
N TYR A 194 21.75 -5.49 -4.29
CA TYR A 194 20.66 -5.76 -5.23
C TYR A 194 19.45 -5.07 -4.60
N ALA A 195 18.59 -4.46 -5.41
CA ALA A 195 17.41 -3.79 -4.83
C ALA A 195 16.25 -3.99 -5.76
N ASN A 196 15.10 -4.31 -5.16
CA ASN A 196 13.83 -4.20 -5.88
C ASN A 196 13.44 -2.76 -6.00
N ILE A 197 12.60 -2.51 -7.03
CA ILE A 197 11.99 -1.18 -7.20
C ILE A 197 10.50 -1.50 -7.13
N TRP A 198 9.80 -0.82 -6.20
CA TRP A 198 8.40 -1.19 -5.94
C TRP A 198 7.50 -0.93 -7.18
N HIS A 199 6.82 -2.02 -7.55
CA HIS A 199 5.96 -2.09 -8.76
C HIS A 199 6.72 -2.11 -10.06
N SER A 200 8.04 -2.31 -9.99
CA SER A 200 8.80 -2.56 -11.25
C SER A 200 9.31 -3.98 -11.28
N SER A 201 9.51 -4.50 -12.48
CA SER A 201 10.21 -5.80 -12.68
C SER A 201 11.70 -5.71 -12.87
N ASP A 202 12.26 -4.51 -12.77
CA ASP A 202 13.70 -4.33 -12.81
C ASP A 202 14.27 -4.46 -11.39
N VAL A 203 15.44 -5.05 -11.31
CA VAL A 203 16.20 -5.08 -10.04
C VAL A 203 17.50 -4.37 -10.28
N LEU A 204 17.87 -3.44 -9.39
CA LEU A 204 19.07 -2.73 -9.59
C LEU A 204 20.24 -3.46 -8.90
N GLU A 205 21.44 -3.24 -9.43
CA GLU A 205 22.68 -3.58 -8.77
C GLU A 205 23.36 -2.25 -8.45
N ILE A 206 23.60 -1.96 -7.16
CA ILE A 206 24.03 -0.63 -6.69
C ILE A 206 25.42 -0.77 -6.03
N ASP A 207 26.37 0.12 -6.40
CA ASP A 207 27.64 0.17 -5.68
C ASP A 207 27.44 0.87 -4.31
N PRO A 208 27.64 0.13 -3.17
CA PRO A 208 27.31 0.69 -1.88
C PRO A 208 28.21 1.90 -1.51
N ALA A 209 29.40 1.94 -2.09
CA ALA A 209 30.30 3.13 -1.82
C ALA A 209 29.79 4.46 -2.38
N THR A 210 28.97 4.44 -3.43
CA THR A 210 28.62 5.65 -4.18
C THR A 210 27.13 5.82 -4.45
N GLY A 211 26.34 4.74 -4.41
CA GLY A 211 24.90 4.80 -4.86
C GLY A 211 24.79 4.66 -6.40
N THR A 212 25.91 4.51 -7.14
CA THR A 212 25.79 4.42 -8.62
C THR A 212 25.17 3.05 -8.94
N VAL A 213 24.17 3.01 -9.80
CA VAL A 213 23.63 1.75 -10.34
C VAL A 213 24.64 1.25 -11.37
N VAL A 214 25.19 0.06 -11.07
CA VAL A 214 26.19 -0.57 -11.98
C VAL A 214 25.61 -1.65 -12.84
N GLY A 215 24.37 -2.00 -12.58
CA GLY A 215 23.72 -3.10 -13.35
C GLY A 215 22.24 -2.96 -13.24
N VAL A 216 21.53 -3.35 -14.29
CA VAL A 216 20.06 -3.37 -14.24
C VAL A 216 19.67 -4.76 -14.69
N ILE A 217 18.95 -5.48 -13.83
CA ILE A 217 18.45 -6.81 -14.15
C ILE A 217 17.01 -6.77 -14.53
N ASP A 218 16.68 -7.30 -15.73
CA ASP A 218 15.30 -7.46 -16.13
C ASP A 218 14.71 -8.77 -15.58
N ALA A 219 13.85 -8.68 -14.56
CA ALA A 219 13.22 -9.84 -14.00
C ALA A 219 11.73 -9.98 -14.41
N SER A 220 11.39 -9.42 -15.57
CA SER A 220 10.03 -9.43 -16.09
C SER A 220 9.56 -10.86 -16.40
N ALA A 221 10.45 -11.81 -16.61
CA ALA A 221 9.98 -13.21 -16.83
C ALA A 221 9.33 -13.77 -15.58
N LEU A 222 9.71 -13.19 -14.42
CA LEU A 222 9.18 -13.71 -13.18
C LEU A 222 7.77 -13.17 -13.05
N THR A 223 7.61 -11.87 -13.27
CA THR A 223 6.29 -11.25 -13.21
C THR A 223 5.37 -11.93 -14.23
N ARG A 224 5.88 -12.21 -15.45
CA ARG A 224 5.02 -12.87 -16.48
C ARG A 224 4.59 -14.28 -16.04
N ALA A 225 5.51 -14.97 -15.39
CA ALA A 225 5.31 -16.35 -14.91
C ALA A 225 4.11 -16.48 -13.97
N VAL A 226 3.90 -15.50 -13.07
CA VAL A 226 2.82 -15.58 -12.10
C VAL A 226 1.56 -14.81 -12.50
N ALA A 227 1.63 -14.12 -13.64
CA ALA A 227 0.61 -13.13 -13.97
C ALA A 227 -0.80 -13.75 -14.03
N GLY A 228 -0.87 -15.01 -14.43
CA GLY A 228 -2.15 -15.67 -14.66
C GLY A 228 -2.72 -16.15 -13.34
N GLN A 229 -1.93 -16.02 -12.28
CA GLN A 229 -2.35 -16.49 -10.97
C GLN A 229 -2.55 -15.44 -9.92
N VAL A 230 -1.99 -14.22 -10.09
CA VAL A 230 -2.12 -13.21 -9.02
C VAL A 230 -3.13 -12.18 -9.45
N THR A 231 -3.92 -11.69 -8.49
CA THR A 231 -4.93 -10.68 -8.77
C THR A 231 -4.79 -9.42 -7.95
N ASN A 232 -4.13 -9.52 -6.79
CA ASN A 232 -4.11 -8.40 -5.92
C ASN A 232 -3.20 -7.32 -6.46
N PRO A 233 -3.60 -6.05 -6.39
CA PRO A 233 -2.70 -4.98 -6.88
C PRO A 233 -1.32 -4.92 -6.27
N GLU A 234 -1.16 -5.48 -5.06
CA GLU A 234 0.11 -5.32 -4.34
C GLU A 234 0.95 -6.62 -4.52
N ALA A 235 0.49 -7.51 -5.39
CA ALA A 235 1.16 -8.80 -5.59
C ALA A 235 2.33 -8.70 -6.56
N VAL A 236 3.32 -7.93 -6.13
CA VAL A 236 4.47 -7.50 -6.95
C VAL A 236 5.78 -8.10 -6.57
N LEU A 237 6.69 -8.21 -7.56
CA LEU A 237 8.05 -8.73 -7.36
C LEU A 237 8.70 -7.95 -6.21
N ASN A 238 9.18 -8.69 -5.23
CA ASN A 238 9.88 -8.08 -4.08
C ASN A 238 10.44 -9.21 -3.27
N GLY A 239 11.70 -9.10 -2.89
CA GLY A 239 12.32 -10.20 -2.13
C GLY A 239 13.44 -10.86 -2.97
N ILE A 240 14.70 -10.63 -2.55
CA ILE A 240 15.88 -11.18 -3.24
C ILE A 240 16.71 -11.74 -2.11
N ALA A 241 17.20 -12.96 -2.30
CA ALA A 241 18.11 -13.56 -1.33
C ALA A 241 19.17 -14.38 -2.08
N VAL A 242 20.42 -14.19 -1.70
CA VAL A 242 21.56 -15.03 -2.25
C VAL A 242 22.08 -15.94 -1.15
N GLU A 243 22.12 -17.26 -1.46
CA GLU A 243 22.58 -18.27 -0.50
C GLU A 243 24.10 -18.20 -0.34
N PRO A 244 24.62 -18.04 0.89
CA PRO A 244 26.03 -17.77 1.01
C PRO A 244 26.90 -18.98 0.57
N GLY A 245 26.42 -20.18 0.89
CA GLY A 245 27.21 -21.43 0.70
C GLY A 245 27.28 -21.84 -0.77
N SER A 246 26.25 -21.48 -1.55
CA SER A 246 26.15 -21.86 -2.98
C SER A 246 26.17 -20.73 -4.03
N GLY A 247 25.91 -19.50 -3.61
CA GLY A 247 25.87 -18.33 -4.47
C GLY A 247 24.57 -18.36 -5.30
N ARG A 248 23.64 -19.26 -4.95
CA ARG A 248 22.41 -19.40 -5.74
C ARG A 248 21.48 -18.17 -5.38
N ILE A 249 20.90 -17.60 -6.40
CA ILE A 249 20.09 -16.32 -6.29
C ILE A 249 18.60 -16.65 -6.38
N PHE A 250 17.81 -16.12 -5.44
CA PHE A 250 16.36 -16.42 -5.39
C PHE A 250 15.54 -15.16 -5.36
N MET A 251 14.41 -15.12 -6.07
CA MET A 251 13.51 -13.93 -6.10
C MET A 251 12.08 -14.35 -5.95
N THR A 252 11.27 -13.57 -5.23
CA THR A 252 9.86 -13.86 -5.20
C THR A 252 9.09 -12.55 -5.26
N GLY A 253 7.83 -12.62 -4.89
CA GLY A 253 6.95 -11.45 -4.90
C GLY A 253 5.90 -11.59 -3.83
N LYS A 254 5.28 -10.45 -3.53
CA LYS A 254 4.23 -10.50 -2.51
C LYS A 254 3.03 -11.39 -2.98
N LEU A 255 2.55 -12.27 -2.10
CA LEU A 255 1.42 -13.15 -2.44
C LEU A 255 1.71 -14.06 -3.64
N TRP A 256 3.00 -14.21 -4.03
CA TRP A 256 3.28 -15.03 -5.25
C TRP A 256 3.12 -16.50 -4.90
N PRO A 257 2.61 -17.30 -5.83
CA PRO A 257 2.53 -18.74 -5.61
C PRO A 257 3.89 -19.46 -5.78
N ARG A 258 4.92 -18.73 -6.23
CA ARG A 258 6.21 -19.35 -6.49
C ARG A 258 7.35 -18.41 -6.10
N LEU A 259 8.46 -19.05 -5.75
CA LEU A 259 9.72 -18.37 -5.57
C LEU A 259 10.61 -18.96 -6.64
N PHE A 260 11.47 -18.13 -7.21
CA PHE A 260 12.28 -18.58 -8.34
C PHE A 260 13.75 -18.54 -8.09
N GLU A 261 14.48 -19.60 -8.50
CA GLU A 261 15.92 -19.50 -8.56
C GLU A 261 16.24 -18.99 -9.95
N VAL A 262 17.09 -17.97 -10.02
CA VAL A 262 17.42 -17.33 -11.30
C VAL A 262 18.92 -17.35 -11.61
N ARG A 263 19.25 -17.31 -12.89
CA ARG A 263 20.64 -17.13 -13.37
C ARG A 263 20.64 -15.78 -14.05
N LEU A 264 21.65 -14.96 -13.75
CA LEU A 264 21.73 -13.63 -14.31
C LEU A 264 22.62 -13.62 -15.55
N ASP A 265 22.00 -13.37 -16.69
CA ASP A 265 22.73 -13.47 -17.94
C ASP A 265 22.92 -12.10 -18.51
N VAL A 266 24.17 -11.83 -18.85
CA VAL A 266 24.49 -10.55 -19.53
C VAL A 266 23.83 -10.51 -20.90
N VAL A 267 23.22 -9.36 -21.20
CA VAL A 267 22.74 -9.07 -22.56
C VAL A 267 23.58 -7.99 -23.25
N ASP A 268 23.93 -8.29 -24.51
CA ASP A 268 24.89 -7.46 -25.30
C ASP A 268 24.25 -6.83 -26.54
N GLU B 37 -28.42 -6.78 -14.77
CA GLU B 37 -27.59 -6.03 -15.78
C GLU B 37 -27.47 -4.55 -15.41
N PRO B 38 -26.25 -4.07 -15.05
CA PRO B 38 -26.22 -2.68 -14.57
C PRO B 38 -26.28 -1.63 -15.70
N VAL B 39 -26.68 -0.43 -15.37
CA VAL B 39 -26.45 0.72 -16.26
C VAL B 39 -24.94 0.99 -16.37
N ARG B 40 -24.47 1.20 -17.61
CA ARG B 40 -23.10 1.72 -17.85
C ARG B 40 -23.03 3.27 -18.01
N ARG B 41 -22.02 3.90 -17.40
CA ARG B 41 -21.83 5.34 -17.53
C ARG B 41 -20.38 5.58 -17.73
N VAL B 42 -20.08 6.74 -18.33
CA VAL B 42 -18.73 7.24 -18.50
C VAL B 42 -18.61 8.55 -17.78
N ALA B 43 -17.60 8.71 -16.92
CA ALA B 43 -17.40 10.02 -16.30
C ALA B 43 -16.60 10.97 -17.18
N HIS B 44 -17.17 12.17 -17.46
CA HIS B 44 -16.42 13.22 -18.18
C HIS B 44 -16.13 14.40 -17.30
N ILE B 45 -14.91 14.91 -17.46
CA ILE B 45 -14.38 15.97 -16.59
C ILE B 45 -15.05 17.25 -17.02
N ILE B 46 -15.80 17.87 -16.11
CA ILE B 46 -16.34 19.21 -16.44
C ILE B 46 -15.54 20.40 -15.83
N ARG B 47 -14.86 20.20 -14.71
CA ARG B 47 -14.00 21.24 -14.12
C ARG B 47 -12.93 20.57 -13.27
N GLU B 48 -11.81 21.26 -13.05
CA GLU B 48 -10.75 20.74 -12.22
C GLU B 48 -10.42 21.75 -11.15
N TYR B 49 -10.11 21.27 -9.95
CA TYR B 49 -9.66 22.11 -8.85
C TYR B 49 -8.37 21.54 -8.32
N PRO B 50 -7.48 22.37 -7.76
CA PRO B 50 -6.21 21.76 -7.34
C PRO B 50 -6.39 20.80 -6.13
N HIS B 51 -5.41 19.95 -5.88
CA HIS B 51 -5.50 19.02 -4.77
C HIS B 51 -4.05 18.73 -4.36
N ALA B 52 -3.79 18.38 -3.09
CA ALA B 52 -2.40 18.22 -2.63
C ALA B 52 -1.79 16.89 -3.06
N THR B 53 -0.58 16.97 -3.59
CA THR B 53 0.08 15.80 -4.21
C THR B 53 0.70 14.99 -3.10
N ASN B 54 0.63 15.50 -1.87
CA ASN B 54 0.95 14.66 -0.72
C ASN B 54 -0.25 14.27 0.15
N ALA B 55 -1.47 14.34 -0.39
CA ALA B 55 -2.61 13.91 0.39
C ALA B 55 -3.01 12.57 -0.20
N PHE B 56 -2.78 11.56 0.61
CA PHE B 56 -3.16 10.16 0.39
C PHE B 56 -4.64 10.01 0.70
N THR B 57 -5.50 10.45 -0.23
CA THR B 57 -6.98 10.45 0.02
C THR B 57 -7.59 9.10 0.34
N GLN B 58 -8.26 8.97 1.49
CA GLN B 58 -8.90 7.71 1.84
C GLN B 58 -10.38 7.96 2.20
N GLY B 59 -10.73 9.23 2.26
CA GLY B 59 -12.10 9.59 2.62
C GLY B 59 -12.39 10.97 2.10
N LEU B 60 -13.62 11.16 1.55
CA LEU B 60 -13.93 12.47 0.93
C LEU B 60 -15.44 12.65 1.02
N VAL B 61 -15.81 13.80 1.60
CA VAL B 61 -17.25 14.07 1.79
C VAL B 61 -17.51 15.55 1.91
N PHE B 62 -18.72 15.97 1.50
CA PHE B 62 -19.16 17.35 1.67
C PHE B 62 -19.94 17.37 3.00
N HIS B 63 -19.58 18.32 3.83
CA HIS B 63 -20.08 18.38 5.18
C HIS B 63 -20.11 19.86 5.63
N GLN B 64 -21.24 20.33 6.17
CA GLN B 64 -21.32 21.77 6.62
C GLN B 64 -20.85 22.76 5.56
N GLY B 65 -21.22 22.49 4.32
CA GLY B 65 -20.87 23.36 3.22
C GLY B 65 -19.46 23.31 2.63
N HIS B 66 -18.65 22.32 2.98
CA HIS B 66 -17.28 22.22 2.45
C HIS B 66 -16.93 20.77 2.25
N PHE B 67 -15.91 20.54 1.44
CA PHE B 67 -15.36 19.20 1.29
C PHE B 67 -14.36 18.95 2.44
N PHE B 68 -14.52 17.79 3.05
CA PHE B 68 -13.58 17.30 4.05
C PHE B 68 -12.88 16.09 3.46
N GLU B 69 -11.61 15.91 3.82
CA GLU B 69 -10.83 14.76 3.27
C GLU B 69 -10.15 14.05 4.44
N SER B 70 -10.22 12.72 4.45
CA SER B 70 -9.44 11.88 5.41
C SER B 70 -8.25 11.35 4.65
N THR B 71 -7.07 11.42 5.25
CA THR B 71 -5.89 10.85 4.59
C THR B 71 -5.24 9.80 5.50
N GLY B 72 -4.53 8.84 4.89
CA GLY B 72 -3.67 7.93 5.66
C GLY B 72 -2.24 8.32 5.37
N HIS B 73 -1.26 7.77 6.05
CA HIS B 73 0.13 8.07 5.64
C HIS B 73 0.50 9.56 5.35
N GLN B 74 0.42 10.46 6.32
CA GLN B 74 -0.08 10.18 7.67
C GLN B 74 -1.54 10.54 7.84
N GLY B 75 -2.07 10.11 8.98
CA GLY B 75 -3.49 10.25 9.25
C GLY B 75 -3.77 11.71 9.46
N THR B 76 -4.74 12.22 8.70
CA THR B 76 -5.28 13.57 8.95
C THR B 76 -6.75 13.67 8.65
N LEU B 77 -7.40 14.70 9.24
CA LEU B 77 -8.69 15.21 8.74
C LEU B 77 -8.44 16.62 8.22
N ARG B 78 -8.89 16.93 7.00
CA ARG B 78 -8.64 18.24 6.47
C ARG B 78 -9.88 18.85 5.79
N GLN B 79 -9.91 20.18 5.77
CA GLN B 79 -11.00 20.88 5.15
C GLN B 79 -10.41 21.49 3.91
N LEU B 80 -11.00 21.16 2.76
CA LEU B 80 -10.39 21.50 1.53
C LEU B 80 -10.79 22.89 1.03
N SER B 81 -9.94 23.53 0.26
CA SER B 81 -10.37 24.70 -0.44
C SER B 81 -10.41 24.34 -1.92
N LEU B 82 -11.31 24.96 -2.69
CA LEU B 82 -11.35 24.72 -4.12
C LEU B 82 -10.40 25.66 -4.88
N GLU B 83 -9.78 26.60 -4.14
CA GLU B 83 -8.89 27.63 -4.69
C GLU B 83 -7.41 27.28 -4.58
N SER B 84 -7.10 26.35 -3.70
CA SER B 84 -5.72 26.08 -3.36
C SER B 84 -5.61 24.63 -2.92
N ALA B 85 -4.45 24.03 -3.15
CA ALA B 85 -4.19 22.67 -2.68
C ALA B 85 -3.91 22.65 -1.18
N GLN B 86 -3.52 23.81 -0.62
CA GLN B 86 -3.40 23.95 0.84
C GLN B 86 -4.77 23.84 1.54
N PRO B 87 -4.88 23.01 2.60
CA PRO B 87 -6.11 22.80 3.39
C PRO B 87 -6.48 24.08 4.12
N VAL B 88 -7.76 24.30 4.41
CA VAL B 88 -8.19 25.49 5.16
C VAL B 88 -8.08 25.19 6.65
N TRP B 89 -8.28 23.93 7.00
CA TRP B 89 -8.14 23.49 8.37
C TRP B 89 -7.68 22.05 8.33
N MET B 90 -6.66 21.73 9.14
CA MET B 90 -6.24 20.32 9.27
C MET B 90 -6.06 19.89 10.73
N GLU B 91 -6.40 18.66 11.03
CA GLU B 91 -5.87 18.07 12.25
C GLU B 91 -5.13 16.78 11.96
N ARG B 92 -3.88 16.72 12.41
CA ARG B 92 -3.08 15.48 12.35
C ARG B 92 -3.46 14.43 13.40
N LEU B 93 -3.45 13.17 13.04
CA LEU B 93 -3.76 12.13 14.00
C LEU B 93 -2.47 11.30 14.24
N GLY B 94 -1.30 11.92 14.16
CA GLY B 94 -0.05 11.14 14.36
C GLY B 94 0.10 9.96 13.40
N ASN B 95 0.35 8.75 13.94
CA ASN B 95 0.64 7.53 13.14
C ASN B 95 -0.59 6.64 12.95
N ILE B 96 -1.77 7.24 12.96
CA ILE B 96 -2.98 6.48 12.70
C ILE B 96 -3.18 6.52 11.21
N PHE B 97 -3.43 5.34 10.64
CA PHE B 97 -3.84 5.29 9.24
C PHE B 97 -5.37 5.52 9.15
N ALA B 98 -5.74 6.77 8.94
CA ALA B 98 -7.15 7.18 8.80
C ALA B 98 -7.68 6.81 7.39
N GLU B 99 -8.96 6.47 7.33
CA GLU B 99 -9.59 5.84 6.18
C GLU B 99 -10.93 6.46 5.81
N GLY B 100 -11.98 5.65 5.56
CA GLY B 100 -13.28 6.22 5.04
C GLY B 100 -13.77 7.37 5.89
N LEU B 101 -14.60 8.21 5.29
CA LEU B 101 -15.15 9.37 5.97
C LEU B 101 -16.59 9.54 5.56
N ALA B 102 -17.52 9.52 6.57
CA ALA B 102 -19.00 9.66 6.33
C ALA B 102 -19.51 10.94 7.06
N SER B 103 -20.58 11.55 6.54
CA SER B 103 -21.24 12.67 7.23
C SER B 103 -22.73 12.39 7.39
N ASP B 104 -23.26 12.66 8.61
CA ASP B 104 -24.75 12.63 8.73
C ASP B 104 -25.37 14.04 8.72
N GLY B 105 -24.59 15.01 8.26
CA GLY B 105 -25.02 16.42 8.19
C GLY B 105 -24.47 17.14 9.41
N GLU B 106 -24.51 16.45 10.54
CA GLU B 106 -24.16 17.00 11.86
C GLU B 106 -22.79 16.51 12.34
N ARG B 107 -22.55 15.20 12.23
CA ARG B 107 -21.26 14.64 12.67
C ARG B 107 -20.44 14.16 11.47
N LEU B 108 -19.13 14.11 11.64
CA LEU B 108 -18.21 13.38 10.67
C LEU B 108 -17.78 12.09 11.34
N TYR B 109 -17.67 11.00 10.57
CA TYR B 109 -17.38 9.71 11.13
C TYR B 109 -16.18 9.16 10.33
N GLN B 110 -15.16 8.65 11.03
CA GLN B 110 -13.85 8.45 10.36
C GLN B 110 -13.27 7.12 10.75
N LEU B 111 -13.15 6.21 9.77
CA LEU B 111 -12.51 4.86 9.96
C LEU B 111 -10.98 4.96 10.07
N THR B 112 -10.42 3.89 10.59
CA THR B 112 -8.97 3.73 10.52
C THR B 112 -8.74 2.40 9.88
N TRP B 113 -7.53 2.20 9.32
CA TRP B 113 -7.34 0.99 8.51
C TRP B 113 -7.32 -0.29 9.34
N THR B 114 -6.33 -0.48 10.22
CA THR B 114 -6.18 -1.76 10.95
C THR B 114 -6.32 -1.56 12.46
N GLU B 115 -6.33 -0.29 12.86
CA GLU B 115 -6.46 0.16 14.28
C GLU B 115 -7.80 -0.14 14.99
N GLY B 116 -8.85 -0.48 14.24
CA GLY B 116 -10.19 -0.71 14.80
C GLY B 116 -10.77 0.45 15.62
N LEU B 117 -10.38 1.67 15.29
CA LEU B 117 -10.85 2.93 15.90
C LEU B 117 -11.78 3.71 14.92
N LEU B 118 -13.02 3.97 15.34
CA LEU B 118 -13.94 4.91 14.63
C LEU B 118 -13.98 6.17 15.42
N PHE B 119 -13.54 7.26 14.76
CA PHE B 119 -13.62 8.62 15.29
C PHE B 119 -14.92 9.31 14.92
N THR B 120 -15.67 9.77 15.93
CA THR B 120 -16.86 10.57 15.64
C THR B 120 -16.48 12.04 15.97
N TRP B 121 -16.68 12.96 15.01
CA TRP B 121 -16.32 14.36 15.14
C TRP B 121 -17.56 15.29 15.09
N SER B 122 -17.54 16.43 15.79
CA SER B 122 -18.62 17.43 15.65
C SER B 122 -18.11 18.87 15.78
N GLY B 123 -18.96 19.85 15.46
CA GLY B 123 -18.57 21.25 15.50
C GLY B 123 -17.91 21.73 14.23
N MET B 124 -17.55 23.02 14.22
CA MET B 124 -16.87 23.68 13.09
C MET B 124 -15.88 24.76 13.54
N PRO B 125 -14.57 24.55 13.34
CA PRO B 125 -13.97 23.36 12.72
C PRO B 125 -14.26 22.14 13.57
N PRO B 126 -14.17 20.91 13.01
CA PRO B 126 -14.64 19.74 13.76
C PRO B 126 -13.66 19.37 14.86
N GLN B 127 -14.11 18.65 15.88
CA GLN B 127 -13.18 18.05 16.87
C GLN B 127 -13.70 16.72 17.33
N ARG B 128 -12.82 15.80 17.73
CA ARG B 128 -13.25 14.46 18.07
C ARG B 128 -14.13 14.46 19.32
N GLU B 129 -15.22 13.70 19.33
CA GLU B 129 -16.05 13.68 20.53
C GLU B 129 -16.21 12.27 21.04
N ARG B 130 -15.67 11.30 20.29
CA ARG B 130 -15.87 9.92 20.60
C ARG B 130 -14.89 9.07 19.79
N THR B 131 -14.45 7.97 20.44
CA THR B 131 -13.69 6.87 19.83
C THR B 131 -14.43 5.55 20.11
N THR B 132 -14.63 4.76 19.07
CA THR B 132 -15.38 3.55 19.23
C THR B 132 -14.58 2.43 18.62
N ARG B 133 -14.34 1.39 19.40
CA ARG B 133 -13.63 0.24 18.92
C ARG B 133 -14.53 -0.62 18.04
N TYR B 134 -13.97 -1.09 16.93
CA TYR B 134 -14.67 -2.07 16.13
C TYR B 134 -13.67 -3.11 15.68
N SER B 135 -14.19 -4.21 15.18
CA SER B 135 -13.34 -5.27 14.68
C SER B 135 -13.21 -5.32 13.13
N GLY B 136 -12.01 -5.68 12.69
CA GLY B 136 -11.70 -5.84 11.27
C GLY B 136 -11.15 -4.54 10.74
N GLU B 137 -11.04 -4.46 9.40
CA GLU B 137 -10.41 -3.33 8.73
C GLU B 137 -11.45 -2.24 8.38
N GLY B 138 -11.00 -1.01 8.32
CA GLY B 138 -11.84 0.08 7.76
C GLY B 138 -11.28 0.51 6.41
N TRP B 139 -12.09 0.35 5.34
CA TRP B 139 -11.69 1.07 4.09
C TRP B 139 -12.59 2.32 3.86
N GLY B 140 -13.74 2.09 3.29
CA GLY B 140 -14.66 3.24 3.04
C GLY B 140 -15.83 3.28 4.02
N LEU B 141 -16.47 4.45 4.07
CA LEU B 141 -17.60 4.69 4.96
C LEU B 141 -18.56 5.71 4.31
N CYS B 142 -19.84 5.39 4.39
CA CYS B 142 -20.81 6.44 4.15
C CYS B 142 -22.04 6.23 5.07
N TYR B 143 -22.97 7.18 4.99
CA TYR B 143 -24.17 7.17 5.86
C TYR B 143 -25.45 7.07 5.00
N TRP B 144 -26.26 6.08 5.32
CA TRP B 144 -27.49 5.78 4.61
C TRP B 144 -28.58 5.31 5.55
N ASN B 145 -29.73 6.01 5.47
CA ASN B 145 -30.91 5.57 6.15
C ASN B 145 -30.66 5.27 7.63
N GLY B 146 -29.94 6.18 8.27
CA GLY B 146 -29.74 6.10 9.69
C GLY B 146 -28.71 5.07 10.10
N LYS B 147 -28.07 4.43 9.11
CA LYS B 147 -26.95 3.47 9.34
C LYS B 147 -25.60 4.00 8.76
N LEU B 148 -24.48 3.72 9.46
CA LEU B 148 -23.13 3.76 8.84
C LEU B 148 -22.85 2.49 8.04
N VAL B 149 -22.35 2.68 6.80
CA VAL B 149 -22.15 1.55 5.88
C VAL B 149 -20.65 1.47 5.65
N ARG B 150 -20.08 0.29 5.93
CA ARG B 150 -18.63 0.20 5.98
C ARG B 150 -18.14 -0.80 4.95
N SER B 151 -17.10 -0.42 4.16
CA SER B 151 -16.39 -1.42 3.31
C SER B 151 -15.04 -1.71 3.91
N ASP B 152 -14.46 -2.88 3.54
CA ASP B 152 -13.16 -3.28 4.14
C ASP B 152 -12.24 -3.94 3.12
N GLY B 153 -12.49 -3.70 1.83
CA GLY B 153 -11.66 -4.31 0.79
C GLY B 153 -12.03 -5.72 0.43
N GLY B 154 -12.96 -6.29 1.21
CA GLY B 154 -13.69 -7.51 0.79
C GLY B 154 -14.94 -7.26 -0.02
N THR B 155 -15.85 -8.25 -0.01
CA THR B 155 -17.01 -8.28 -0.87
C THR B 155 -18.25 -7.77 -0.14
N MET B 156 -18.14 -7.53 1.16
CA MET B 156 -19.28 -7.19 1.98
C MET B 156 -19.33 -5.73 2.37
N LEU B 157 -20.55 -5.24 2.54
CA LEU B 157 -20.76 -3.96 3.17
C LEU B 157 -21.51 -4.34 4.47
N THR B 158 -21.07 -3.78 5.57
CA THR B 158 -21.72 -4.01 6.87
C THR B 158 -22.34 -2.69 7.30
N PHE B 159 -23.43 -2.82 8.08
CA PHE B 159 -24.28 -1.68 8.44
C PHE B 159 -24.25 -1.55 9.95
N HIS B 160 -24.01 -0.34 10.43
CA HIS B 160 -23.76 -0.06 11.84
C HIS B 160 -24.65 1.06 12.39
N GLU B 161 -25.21 0.84 13.60
CA GLU B 161 -25.86 1.92 14.34
C GLU B 161 -24.79 3.00 14.54
N PRO B 162 -25.10 4.29 14.26
CA PRO B 162 -24.09 5.32 14.37
C PRO B 162 -23.70 5.57 15.81
N ASP B 163 -24.60 5.28 16.76
CA ASP B 163 -24.27 5.51 18.17
C ASP B 163 -23.81 4.17 18.74
N GLY B 164 -22.49 4.04 18.89
CA GLY B 164 -21.89 2.80 19.33
C GLY B 164 -21.40 1.78 18.32
N PHE B 165 -21.86 1.87 17.05
CA PHE B 165 -21.36 1.05 15.91
C PHE B 165 -21.75 -0.42 15.90
N ALA B 166 -22.82 -0.77 16.59
CA ALA B 166 -23.28 -2.15 16.58
C ALA B 166 -23.66 -2.58 15.20
N LEU B 167 -23.20 -3.78 14.84
CA LEU B 167 -23.50 -4.34 13.54
C LEU B 167 -25.01 -4.70 13.41
N VAL B 168 -25.70 -3.99 12.50
CA VAL B 168 -27.11 -4.33 12.26
C VAL B 168 -27.39 -5.21 11.05
N GLY B 169 -26.43 -5.39 10.15
CA GLY B 169 -26.66 -6.28 9.01
C GLY B 169 -25.54 -6.14 7.99
N ALA B 170 -25.73 -6.73 6.82
CA ALA B 170 -24.66 -6.87 5.83
C ALA B 170 -25.25 -7.34 4.51
N VAL B 171 -24.67 -6.89 3.40
CA VAL B 171 -25.05 -7.37 2.08
C VAL B 171 -23.74 -7.74 1.38
N GLN B 172 -23.80 -8.72 0.50
CA GLN B 172 -22.65 -8.98 -0.35
C GLN B 172 -22.81 -8.20 -1.65
N VAL B 173 -21.74 -7.51 -2.05
CA VAL B 173 -21.73 -6.72 -3.32
C VAL B 173 -21.54 -7.64 -4.51
N LYS B 174 -22.51 -7.69 -5.39
CA LYS B 174 -22.38 -8.62 -6.51
C LYS B 174 -22.59 -7.89 -7.80
N LEU B 175 -21.77 -8.20 -8.81
CA LEU B 175 -21.94 -7.64 -10.17
C LEU B 175 -22.35 -8.77 -11.12
N ARG B 176 -23.55 -8.65 -11.69
CA ARG B 176 -24.16 -9.69 -12.53
C ARG B 176 -24.06 -11.08 -11.82
N GLY B 177 -24.41 -11.11 -10.52
CA GLY B 177 -24.30 -12.30 -9.65
C GLY B 177 -22.97 -12.74 -9.07
N GLN B 178 -21.89 -12.02 -9.39
CA GLN B 178 -20.54 -12.32 -8.88
C GLN B 178 -20.08 -11.34 -7.82
N PRO B 179 -19.46 -11.83 -6.70
CA PRO B 179 -18.99 -10.92 -5.66
C PRO B 179 -17.86 -10.04 -6.14
N VAL B 180 -17.82 -8.79 -5.68
CA VAL B 180 -16.82 -7.79 -6.11
C VAL B 180 -15.87 -7.50 -4.95
N GLU B 181 -14.57 -7.67 -5.13
CA GLU B 181 -13.56 -7.47 -4.07
C GLU B 181 -13.01 -6.05 -4.16
N LEU B 182 -12.33 -5.63 -3.12
CA LEU B 182 -11.49 -4.41 -3.10
C LEU B 182 -12.32 -3.16 -3.09
N ILE B 183 -13.52 -3.29 -2.51
CA ILE B 183 -14.38 -2.11 -2.37
C ILE B 183 -13.73 -1.13 -1.39
N ASN B 184 -13.61 0.14 -1.80
CA ASN B 184 -12.84 1.14 -1.07
C ASN B 184 -13.72 2.36 -0.69
N GLU B 185 -13.30 3.59 -1.07
CA GLU B 185 -14.02 4.83 -0.66
C GLU B 185 -15.46 4.79 -1.09
N LEU B 186 -16.38 5.24 -0.21
CA LEU B 186 -17.83 5.15 -0.49
C LEU B 186 -18.45 6.53 -0.59
N GLU B 187 -19.65 6.61 -1.16
CA GLU B 187 -20.38 7.89 -1.13
C GLU B 187 -21.83 7.51 -1.23
N CYS B 188 -22.66 7.93 -0.28
CA CYS B 188 -24.05 7.52 -0.29
C CYS B 188 -24.84 8.74 -0.86
N ALA B 189 -25.39 8.60 -2.09
CA ALA B 189 -26.22 9.64 -2.70
C ALA B 189 -27.14 9.04 -3.74
N ASN B 190 -28.26 9.71 -4.05
CA ASN B 190 -29.09 9.34 -5.26
C ASN B 190 -29.71 7.95 -5.04
N GLY B 191 -29.86 7.56 -3.78
CA GLY B 191 -30.43 6.27 -3.45
C GLY B 191 -29.43 5.12 -3.67
N VAL B 192 -28.17 5.47 -3.97
CA VAL B 192 -27.12 4.41 -4.20
C VAL B 192 -25.87 4.61 -3.36
N ILE B 193 -25.07 3.54 -3.22
CA ILE B 193 -23.72 3.76 -2.70
C ILE B 193 -22.76 3.76 -3.88
N TYR B 194 -22.06 4.85 -4.12
CA TYR B 194 -20.95 4.90 -5.11
C TYR B 194 -19.75 4.28 -4.39
N ALA B 195 -19.03 3.40 -5.05
CA ALA B 195 -17.84 2.79 -4.42
C ALA B 195 -16.64 2.84 -5.35
N ASN B 196 -15.51 3.35 -4.86
CA ASN B 196 -14.23 3.10 -5.56
C ASN B 196 -13.88 1.61 -5.45
N ILE B 197 -13.06 1.14 -6.38
N ILE B 197 -13.04 1.15 -6.36
CA ILE B 197 -12.52 -0.23 -6.36
CA ILE B 197 -12.50 -0.21 -6.31
C ILE B 197 -11.02 0.00 -6.39
C ILE B 197 -11.02 -0.03 -6.40
N TRP B 198 -10.30 -0.53 -5.40
CA TRP B 198 -8.88 -0.31 -5.31
C TRP B 198 -8.04 -0.71 -6.52
N HIS B 199 -7.41 0.30 -7.13
CA HIS B 199 -6.60 0.15 -8.31
C HIS B 199 -7.41 -0.08 -9.59
N SER B 200 -8.69 0.25 -9.53
CA SER B 200 -9.53 0.21 -10.75
C SER B 200 -9.99 1.63 -11.07
N SER B 201 -10.23 1.91 -12.34
CA SER B 201 -10.81 3.20 -12.68
C SER B 201 -12.33 3.11 -12.73
N ASP B 202 -12.91 1.97 -12.38
CA ASP B 202 -14.37 1.80 -12.39
C ASP B 202 -14.91 2.20 -11.05
N VAL B 203 -16.06 2.87 -11.05
CA VAL B 203 -16.77 3.24 -9.81
C VAL B 203 -18.11 2.49 -9.85
N LEU B 204 -18.42 1.73 -8.78
CA LEU B 204 -19.65 0.96 -8.74
C LEU B 204 -20.82 1.76 -8.13
N GLU B 205 -22.04 1.46 -8.58
CA GLU B 205 -23.26 2.04 -7.98
C GLU B 205 -23.90 0.84 -7.40
N ILE B 206 -24.16 0.89 -6.11
CA ILE B 206 -24.62 -0.31 -5.43
C ILE B 206 -25.92 0.02 -4.74
N ASP B 207 -26.88 -0.89 -4.78
CA ASP B 207 -28.16 -0.66 -4.10
C ASP B 207 -27.94 -1.10 -2.64
N PRO B 208 -28.06 -0.17 -1.70
CA PRO B 208 -27.75 -0.49 -0.29
C PRO B 208 -28.68 -1.57 0.29
N ALA B 209 -29.90 -1.67 -0.24
CA ALA B 209 -30.84 -2.61 0.28
C ALA B 209 -30.57 -4.04 -0.13
N THR B 210 -29.72 -4.26 -1.16
CA THR B 210 -29.58 -5.62 -1.75
C THR B 210 -28.13 -6.07 -2.01
N GLY B 211 -27.21 -5.11 -2.08
CA GLY B 211 -25.84 -5.38 -2.56
C GLY B 211 -25.66 -5.51 -4.08
N THR B 212 -26.75 -5.43 -4.82
CA THR B 212 -26.71 -5.54 -6.29
C THR B 212 -26.03 -4.34 -6.88
N VAL B 213 -25.07 -4.58 -7.80
CA VAL B 213 -24.48 -3.48 -8.54
C VAL B 213 -25.43 -3.06 -9.63
N VAL B 214 -25.96 -1.86 -9.47
CA VAL B 214 -26.97 -1.30 -10.39
C VAL B 214 -26.37 -0.45 -11.49
N GLY B 215 -25.08 -0.08 -11.37
CA GLY B 215 -24.42 0.83 -12.30
C GLY B 215 -22.93 0.59 -12.24
N VAL B 216 -22.27 0.77 -13.38
CA VAL B 216 -20.80 0.83 -13.41
C VAL B 216 -20.36 2.06 -14.17
N ILE B 217 -19.56 2.88 -13.49
CA ILE B 217 -19.07 4.10 -14.07
C ILE B 217 -17.61 3.94 -14.48
N ASP B 218 -17.35 4.21 -15.76
CA ASP B 218 -15.99 4.17 -16.26
C ASP B 218 -15.36 5.54 -16.01
N ALA B 219 -14.44 5.63 -15.00
CA ALA B 219 -13.81 6.92 -14.71
C ALA B 219 -12.34 6.95 -15.19
N SER B 220 -12.02 6.11 -16.20
CA SER B 220 -10.64 6.07 -16.72
C SER B 220 -10.15 7.39 -17.28
N ALA B 221 -11.07 8.29 -17.67
CA ALA B 221 -10.63 9.64 -18.10
C ALA B 221 -9.88 10.44 -17.05
N LEU B 222 -10.27 10.22 -15.78
CA LEU B 222 -9.63 10.88 -14.68
C LEU B 222 -8.24 10.32 -14.49
N THR B 223 -8.15 8.99 -14.46
CA THR B 223 -6.84 8.31 -14.49
C THR B 223 -5.91 8.83 -15.59
N ARG B 224 -6.46 8.93 -16.82
CA ARG B 224 -5.64 9.45 -17.96
C ARG B 224 -5.21 10.89 -17.78
N ALA B 225 -6.06 11.68 -17.13
CA ALA B 225 -5.80 13.10 -16.95
C ALA B 225 -4.62 13.43 -16.06
N VAL B 226 -4.32 12.52 -15.11
CA VAL B 226 -3.24 12.80 -14.15
C VAL B 226 -2.02 11.92 -14.48
N ALA B 227 -2.13 11.08 -15.49
CA ALA B 227 -1.13 10.04 -15.79
C ALA B 227 0.24 10.67 -16.04
N GLY B 228 0.26 11.86 -16.66
CA GLY B 228 1.51 12.59 -16.92
C GLY B 228 2.13 13.22 -15.68
N GLN B 229 1.40 13.24 -14.58
CA GLN B 229 1.86 13.92 -13.37
C GLN B 229 2.21 12.98 -12.21
N VAL B 230 1.53 11.84 -12.10
CA VAL B 230 1.74 10.96 -10.94
C VAL B 230 2.77 9.88 -11.26
N THR B 231 3.50 9.40 -10.25
CA THR B 231 4.56 8.42 -10.44
C THR B 231 4.41 7.26 -9.44
N ASN B 232 3.79 7.56 -8.29
CA ASN B 232 3.80 6.60 -7.21
C ASN B 232 2.76 5.51 -7.60
N PRO B 233 3.12 4.26 -7.43
CA PRO B 233 2.15 3.16 -7.76
C PRO B 233 0.81 3.20 -7.02
N GLU B 234 0.76 3.91 -5.89
CA GLU B 234 -0.47 3.95 -5.10
C GLU B 234 -1.28 5.23 -5.38
N ALA B 235 -0.83 6.02 -6.36
CA ALA B 235 -1.54 7.25 -6.69
C ALA B 235 -2.76 6.96 -7.55
N VAL B 236 -3.70 6.25 -6.97
CA VAL B 236 -4.86 5.74 -7.70
C VAL B 236 -6.11 6.56 -7.42
N LEU B 237 -7.03 6.48 -8.37
CA LEU B 237 -8.40 7.01 -8.21
C LEU B 237 -9.02 6.50 -6.90
N ASN B 238 -9.44 7.45 -6.03
CA ASN B 238 -10.06 7.15 -4.76
C ASN B 238 -10.52 8.43 -4.11
N GLY B 239 -11.79 8.42 -3.72
CA GLY B 239 -12.45 9.53 -3.11
C GLY B 239 -13.55 10.12 -4.02
N ILE B 240 -14.79 10.12 -3.51
CA ILE B 240 -15.99 10.44 -4.34
C ILE B 240 -16.77 11.29 -3.35
N ALA B 241 -17.32 12.42 -3.78
CA ALA B 241 -18.25 13.19 -2.92
C ALA B 241 -19.27 13.91 -3.83
N VAL B 242 -20.49 13.95 -3.35
CA VAL B 242 -21.59 14.54 -4.11
C VAL B 242 -22.11 15.68 -3.24
N GLU B 243 -22.25 16.83 -3.87
CA GLU B 243 -22.79 17.98 -3.17
C GLU B 243 -24.30 17.81 -3.00
N PRO B 244 -24.76 17.96 -1.76
CA PRO B 244 -26.21 17.85 -1.58
C PRO B 244 -26.94 18.99 -2.32
N GLY B 245 -28.15 18.67 -2.77
CA GLY B 245 -29.00 19.72 -3.37
C GLY B 245 -28.66 19.91 -4.85
N SER B 246 -27.38 20.22 -5.17
N SER B 246 -27.39 20.19 -5.19
CA SER B 246 -26.90 20.37 -6.58
CA SER B 246 -27.02 20.36 -6.60
C SER B 246 -26.87 19.04 -7.30
C SER B 246 -26.88 19.03 -7.32
N GLY B 247 -26.46 18.00 -6.57
CA GLY B 247 -26.24 16.69 -7.16
C GLY B 247 -24.90 16.67 -7.91
N ARG B 248 -24.10 17.74 -7.79
CA ARG B 248 -22.80 17.79 -8.40
C ARG B 248 -21.85 16.71 -7.87
N ILE B 249 -21.06 16.15 -8.78
CA ILE B 249 -20.26 14.94 -8.45
C ILE B 249 -18.74 15.18 -8.54
N PHE B 250 -17.96 14.80 -7.50
CA PHE B 250 -16.56 15.18 -7.43
C PHE B 250 -15.70 13.95 -7.16
N MET B 251 -14.56 13.84 -7.86
CA MET B 251 -13.71 12.62 -7.73
C MET B 251 -12.25 13.00 -7.72
N THR B 252 -11.51 12.31 -6.87
CA THR B 252 -10.08 12.55 -6.87
C THR B 252 -9.31 11.21 -6.68
N GLY B 253 -8.04 11.36 -6.36
CA GLY B 253 -7.12 10.24 -6.28
C GLY B 253 -6.02 10.44 -5.25
N LYS B 254 -5.48 9.34 -4.74
CA LYS B 254 -4.38 9.50 -3.78
C LYS B 254 -3.20 10.25 -4.40
N LEU B 255 -2.68 11.29 -3.75
CA LEU B 255 -1.58 12.10 -4.28
C LEU B 255 -1.87 12.83 -5.63
N TRP B 256 -3.14 12.90 -6.05
CA TRP B 256 -3.49 13.48 -7.34
C TRP B 256 -3.33 15.02 -7.28
N PRO B 257 -2.86 15.65 -8.38
CA PRO B 257 -2.72 17.12 -8.42
C PRO B 257 -4.07 17.84 -8.63
N ARG B 258 -5.12 17.07 -8.95
CA ARG B 258 -6.47 17.62 -9.22
C ARG B 258 -7.61 16.89 -8.53
N LEU B 259 -8.70 17.62 -8.26
CA LEU B 259 -9.94 17.07 -7.78
C LEU B 259 -10.78 17.42 -8.99
N PHE B 260 -11.61 16.52 -9.43
CA PHE B 260 -12.37 16.77 -10.64
C PHE B 260 -13.86 16.81 -10.38
N GLU B 261 -14.56 17.78 -11.01
CA GLU B 261 -16.02 17.68 -11.10
C GLU B 261 -16.32 16.89 -12.36
N VAL B 262 -17.23 15.95 -12.26
CA VAL B 262 -17.54 15.08 -13.39
C VAL B 262 -19.00 15.06 -13.71
N ARG B 263 -19.33 14.79 -14.99
CA ARG B 263 -20.72 14.49 -15.37
C ARG B 263 -20.78 13.04 -15.75
N LEU B 264 -21.80 12.33 -15.29
CA LEU B 264 -21.91 10.91 -15.55
C LEU B 264 -22.85 10.70 -16.73
N ASP B 265 -22.32 10.18 -17.81
CA ASP B 265 -23.06 10.05 -19.05
C ASP B 265 -23.37 8.62 -19.30
N VAL B 266 -24.65 8.33 -19.47
CA VAL B 266 -25.10 7.00 -19.83
C VAL B 266 -24.55 6.60 -21.19
N VAL B 267 -24.05 5.36 -21.25
CA VAL B 267 -23.68 4.63 -22.51
C VAL B 267 -24.59 3.41 -22.56
N ASP B 268 -25.42 3.38 -23.60
CA ASP B 268 -26.36 2.28 -23.79
C ASP B 268 -25.73 0.99 -24.24
#